data_4FUD
#
_entry.id   4FUD
#
_cell.length_a   55.000
_cell.length_b   52.600
_cell.length_c   80.000
_cell.angle_alpha   90.000
_cell.angle_beta   90.000
_cell.angle_gamma   90.000
#
_symmetry.space_group_name_H-M   'P 21 21 21'
#
loop_
_entity.id
_entity.type
_entity.pdbx_description
1 polymer 'Urokinase-type plasminogen activator'
2 non-polymer 8-aminonaphthalene-2-carboximidamide
3 non-polymer 'SUCCINIC ACID'
4 non-polymer 'SULFATE ION'
5 non-polymer 'SODIUM ION'
6 water water
#
_entity_poly.entity_id   1
_entity_poly.type   'polypeptide(L)'
_entity_poly.pdbx_seq_one_letter_code
;IIGGEFTTIENQPWFAAIYRRHRGGSVTYVCGGSLISPCWVISATHCFIDYPKKEDYIVYLGRSRLNSNTQGEMKFEVEN
LILHKDYSADTLAHHNDIALLKIRSKEGRCAQPSRTIQTIALPSMYNDPQFGTSCEITGFGKEQSTDYLYPEQLKMTVVK
LISHRECQQPHYYGSEVTTKMLCAADPQWKTDSCQGDSGGPLVCSLQGRMTLTGIVSWGRGCALKDKPGVYTRVSHFLPW
IRSHTK
;
_entity_poly.pdbx_strand_id   A
#
loop_
_chem_comp.id
_chem_comp.type
_chem_comp.name
_chem_comp.formula
6UP non-polymer 8-aminonaphthalene-2-carboximidamide 'C11 H11 N3'
NA non-polymer 'SODIUM ION' 'Na 1'
SIN non-polymer 'SUCCINIC ACID' 'C4 H6 O4'
SO4 non-polymer 'SULFATE ION' 'O4 S -2'
#
# COMPACT_ATOMS: atom_id res chain seq x y z
N ILE A 1 4.88 7.29 -7.11
CA ILE A 1 6.15 6.61 -7.40
C ILE A 1 7.11 7.55 -8.14
N ILE A 2 8.28 7.82 -7.52
CA ILE A 2 9.36 8.60 -8.13
C ILE A 2 10.15 7.63 -8.99
N GLY A 3 10.37 7.98 -10.26
CA GLY A 3 11.11 7.12 -11.18
C GLY A 3 10.29 5.89 -11.53
N GLY A 4 10.96 4.76 -11.69
CA GLY A 4 10.30 3.52 -12.07
C GLY A 4 9.74 3.59 -13.47
N GLU A 5 8.59 2.95 -13.69
CA GLU A 5 7.98 2.93 -15.02
C GLU A 5 6.47 2.89 -14.96
N PHE A 6 5.81 3.32 -16.05
CA PHE A 6 4.37 3.23 -16.14
C PHE A 6 4.03 1.76 -16.32
N THR A 7 2.87 1.34 -15.81
CA THR A 7 2.45 -0.06 -15.89
C THR A 7 0.95 -0.10 -16.07
N THR A 8 0.37 -1.31 -16.09
CA THR A 8 -1.07 -1.50 -16.20
C THR A 8 -1.45 -2.50 -15.13
N ILE A 9 -2.75 -2.58 -14.82
CA ILE A 9 -3.27 -3.45 -13.75
C ILE A 9 -3.00 -4.95 -13.99
N GLU A 10 -2.86 -5.39 -15.26
CA GLU A 10 -2.61 -6.81 -15.52
C GLU A 10 -1.29 -7.27 -14.88
N ASN A 11 -0.34 -6.34 -14.64
CA ASN A 11 0.94 -6.67 -14.02
C ASN A 11 0.87 -6.62 -12.50
N GLN A 12 -0.18 -5.98 -11.94
CA GLN A 12 -0.38 -5.82 -10.48
C GLN A 12 -1.86 -6.09 -10.18
N PRO A 13 -2.41 -7.31 -10.45
CA PRO A 13 -3.88 -7.50 -10.34
C PRO A 13 -4.47 -7.46 -8.93
N TRP A 14 -3.63 -7.45 -7.90
CA TRP A 14 -4.07 -7.34 -6.49
C TRP A 14 -4.18 -5.88 -6.06
N PHE A 15 -3.77 -4.93 -6.93
CA PHE A 15 -3.77 -3.52 -6.58
C PHE A 15 -5.17 -2.92 -6.55
N ALA A 16 -5.51 -2.31 -5.41
CA ALA A 16 -6.79 -1.66 -5.19
C ALA A 16 -6.60 -0.15 -5.17
N ALA A 17 -7.44 0.55 -5.93
CA ALA A 17 -7.45 2.01 -6.01
C ALA A 17 -8.58 2.50 -5.11
N ILE A 18 -8.22 3.25 -4.05
CA ILE A 18 -9.19 3.71 -3.07
C ILE A 18 -9.42 5.23 -3.21
N TYR A 19 -10.68 5.60 -3.39
CA TYR A 19 -11.15 6.96 -3.55
C TYR A 19 -12.12 7.33 -2.44
N ARG A 20 -12.34 8.63 -2.25
CA ARG A 20 -13.27 9.16 -1.27
C ARG A 20 -14.22 10.14 -1.94
N ARG A 21 -15.53 9.93 -1.72
CA ARG A 21 -16.58 10.83 -2.18
C ARG A 21 -16.71 11.94 -1.18
N HIS A 22 -16.63 13.19 -1.65
CA HIS A 22 -16.77 14.34 -0.77
C HIS A 22 -18.21 14.85 -0.78
N ARG A 23 -18.57 15.66 0.22
CA ARG A 23 -19.86 16.35 0.27
C ARG A 23 -19.91 17.27 -0.94
N GLY A 24 -20.94 17.11 -1.77
CA GLY A 24 -21.07 17.85 -3.02
C GLY A 24 -20.89 16.97 -4.23
N GLY A 25 -20.34 15.77 -4.01
CA GLY A 25 -20.18 14.77 -5.07
C GLY A 25 -18.83 14.59 -5.72
N SER A 26 -17.82 15.43 -5.37
CA SER A 26 -16.49 15.26 -5.98
C SER A 26 -15.80 14.05 -5.38
N VAL A 27 -15.09 13.30 -6.23
CA VAL A 27 -14.38 12.09 -5.82
C VAL A 27 -12.88 12.34 -6.02
N THR A 28 -12.08 12.07 -5.00
CA THR A 28 -10.63 12.23 -5.05
C THR A 28 -9.94 10.93 -4.66
N TYR A 29 -8.76 10.69 -5.23
CA TYR A 29 -7.97 9.52 -4.91
C TYR A 29 -7.42 9.67 -3.50
N VAL A 30 -7.41 8.56 -2.73
CA VAL A 30 -6.94 8.59 -1.35
C VAL A 30 -5.62 7.84 -1.22
N CYS A 31 -5.68 6.52 -1.42
CA CYS A 31 -4.56 5.61 -1.20
C CYS A 31 -4.73 4.39 -2.05
N GLY A 32 -3.68 3.57 -2.05
CA GLY A 32 -3.66 2.26 -2.67
C GLY A 32 -4.02 1.20 -1.64
N GLY A 33 -4.18 -0.01 -2.12
CA GLY A 33 -4.52 -1.16 -1.28
C GLY A 33 -4.21 -2.46 -1.99
N SER A 34 -4.33 -3.59 -1.28
CA SER A 34 -4.09 -4.91 -1.85
C SER A 34 -5.22 -5.86 -1.54
N LEU A 35 -5.64 -6.62 -2.54
CA LEU A 35 -6.69 -7.62 -2.34
C LEU A 35 -6.03 -8.87 -1.73
N ILE A 36 -6.39 -9.22 -0.49
CA ILE A 36 -5.79 -10.39 0.18
C ILE A 36 -6.73 -11.61 0.12
N SER A 37 -8.01 -11.37 -0.18
CA SER A 37 -9.07 -12.37 -0.34
C SER A 37 -10.21 -11.66 -1.08
N PRO A 38 -11.14 -12.36 -1.78
CA PRO A 38 -12.16 -11.64 -2.57
C PRO A 38 -12.95 -10.55 -1.81
N CYS A 39 -13.16 -10.70 -0.49
CA CYS A 39 -13.94 -9.71 0.27
C CYS A 39 -13.04 -8.70 0.98
N TRP A 40 -11.71 -8.87 0.93
CA TRP A 40 -10.87 -8.02 1.78
C TRP A 40 -9.71 -7.32 1.09
N VAL A 41 -9.65 -6.01 1.31
CA VAL A 41 -8.56 -5.14 0.84
C VAL A 41 -7.78 -4.71 2.07
N ILE A 42 -6.45 -4.81 2.00
CA ILE A 42 -5.59 -4.37 3.10
C ILE A 42 -4.87 -3.08 2.67
N SER A 43 -4.88 -2.09 3.57
CA SER A 43 -4.27 -0.78 3.30
C SER A 43 -3.64 -0.25 4.61
N ALA A 44 -3.48 1.08 4.73
CA ALA A 44 -2.91 1.70 5.91
C ALA A 44 -3.96 2.54 6.64
N THR A 45 -4.00 2.48 7.98
CA THR A 45 -4.95 3.25 8.78
C THR A 45 -4.82 4.78 8.55
N HIS A 46 -3.59 5.32 8.38
CA HIS A 46 -3.41 6.78 8.22
C HIS A 46 -4.20 7.36 7.03
N CYS A 47 -4.57 6.52 6.05
CA CYS A 47 -5.34 6.91 4.87
C CYS A 47 -6.77 7.26 5.23
N PHE A 48 -7.29 6.70 6.34
CA PHE A 48 -8.70 6.79 6.73
C PHE A 48 -8.96 7.38 8.11
N ILE A 49 -7.94 7.42 8.99
CA ILE A 49 -8.12 7.87 10.40
C ILE A 49 -8.87 9.23 10.54
N ASP A 50 -8.67 10.20 9.63
CA ASP A 50 -9.31 11.52 9.73
C ASP A 50 -10.72 11.56 9.15
N TYR A 51 -11.09 10.54 8.36
CA TYR A 51 -12.40 10.42 7.73
C TYR A 51 -12.81 8.93 7.90
N PRO A 52 -13.09 8.47 9.15
CA PRO A 52 -13.31 7.03 9.35
C PRO A 52 -14.74 6.55 9.08
N LYS A 53 -15.42 7.16 8.08
CA LYS A 53 -16.77 6.79 7.64
C LYS A 53 -16.64 5.85 6.47
N LYS A 54 -16.90 4.55 6.65
CA LYS A 54 -16.77 3.57 5.56
C LYS A 54 -17.58 3.99 4.31
N GLU A 55 -18.72 4.69 4.51
CA GLU A 55 -19.64 5.15 3.44
C GLU A 55 -18.97 6.11 2.45
N ASP A 56 -17.94 6.84 2.90
CA ASP A 56 -17.24 7.83 2.08
C ASP A 56 -16.38 7.24 0.96
N TYR A 57 -16.02 5.94 1.06
CA TYR A 57 -15.03 5.35 0.17
C TYR A 57 -15.54 4.52 -0.99
N ILE A 58 -14.77 4.58 -2.07
CA ILE A 58 -14.96 3.84 -3.32
C ILE A 58 -13.69 3.04 -3.53
N VAL A 59 -13.84 1.74 -3.82
CA VAL A 59 -12.71 0.84 -4.06
C VAL A 59 -12.83 0.27 -5.47
N TYR A 60 -11.76 0.39 -6.25
CA TYR A 60 -11.70 -0.24 -7.56
C TYR A 60 -10.66 -1.33 -7.60
N LEU A 61 -10.99 -2.40 -8.33
CA LEU A 61 -10.10 -3.49 -8.64
C LEU A 61 -10.02 -3.55 -10.17
N GLY A 62 -8.87 -3.93 -10.71
CA GLY A 62 -8.68 -4.02 -12.17
C GLY A 62 -8.66 -2.69 -12.89
N ARG A 63 -8.33 -1.60 -12.16
CA ARG A 63 -8.25 -0.25 -12.67
C ARG A 63 -6.78 0.16 -12.86
N SER A 64 -6.44 0.61 -14.10
CA SER A 64 -5.08 0.97 -14.51
C SER A 64 -4.81 2.47 -14.54
N ARG A 65 -5.87 3.28 -14.61
CA ARG A 65 -5.74 4.73 -14.74
C ARG A 65 -6.62 5.44 -13.70
N LEU A 66 -6.16 6.59 -13.23
CA LEU A 66 -6.80 7.40 -12.19
C LEU A 66 -8.19 7.89 -12.60
N ASN A 67 -8.39 8.18 -13.90
CA ASN A 67 -9.66 8.72 -14.39
C ASN A 67 -10.18 8.02 -15.66
N SER A 68 -9.94 6.71 -15.77
CA SER A 68 -10.47 5.91 -16.88
C SER A 68 -11.11 4.67 -16.31
N ASN A 69 -12.22 4.25 -16.90
CA ASN A 69 -12.89 3.02 -16.52
C ASN A 69 -12.22 1.92 -17.31
N THR A 70 -11.18 1.31 -16.72
CA THR A 70 -10.41 0.25 -17.36
C THR A 70 -11.32 -0.94 -17.64
N GLN A 71 -11.24 -1.50 -18.87
CA GLN A 71 -12.03 -2.67 -19.26
C GLN A 71 -11.79 -3.80 -18.27
N GLY A 72 -12.86 -4.37 -17.74
CA GLY A 72 -12.79 -5.46 -16.78
C GLY A 72 -12.70 -5.01 -15.33
N GLU A 73 -12.65 -3.67 -15.08
CA GLU A 73 -12.59 -3.16 -13.71
C GLU A 73 -13.89 -3.46 -12.97
N MET A 74 -13.82 -3.50 -11.62
CA MET A 74 -14.95 -3.73 -10.71
C MET A 74 -14.93 -2.64 -9.63
N LYS A 75 -16.10 -2.07 -9.33
CA LYS A 75 -16.26 -0.98 -8.36
C LYS A 75 -16.96 -1.51 -7.10
N PHE A 76 -16.50 -1.04 -5.90
CA PHE A 76 -17.05 -1.53 -4.65
C PHE A 76 -17.26 -0.45 -3.62
N GLU A 77 -18.13 -0.74 -2.67
CA GLU A 77 -18.33 0.08 -1.49
C GLU A 77 -17.67 -0.66 -0.36
N VAL A 78 -17.44 0.02 0.77
CA VAL A 78 -16.79 -0.58 1.92
C VAL A 78 -17.89 -1.00 2.89
N GLU A 79 -18.00 -2.32 3.14
CA GLU A 79 -18.97 -2.92 4.05
C GLU A 79 -18.52 -2.76 5.50
N ASN A 80 -17.20 -2.75 5.70
CA ASN A 80 -16.58 -2.67 7.01
C ASN A 80 -15.19 -2.06 6.86
N LEU A 81 -14.92 -1.01 7.63
CA LEU A 81 -13.64 -0.32 7.66
C LEU A 81 -13.03 -0.64 9.01
N ILE A 82 -11.99 -1.48 9.02
CA ILE A 82 -11.35 -1.89 10.27
C ILE A 82 -10.00 -1.20 10.38
N LEU A 83 -9.88 -0.35 11.40
CA LEU A 83 -8.66 0.37 11.69
C LEU A 83 -7.98 -0.24 12.90
N HIS A 84 -6.65 -0.30 12.90
CA HIS A 84 -5.90 -0.86 14.03
C HIS A 84 -6.09 0.06 15.25
N LYS A 85 -6.60 -0.51 16.36
CA LYS A 85 -6.90 0.18 17.63
C LYS A 85 -5.74 0.99 18.20
N ASP A 86 -4.49 0.53 17.97
CA ASP A 86 -3.35 1.22 18.54
C ASP A 86 -2.55 2.03 17.51
N TYR A 87 -3.25 2.54 16.48
CA TYR A 87 -2.64 3.40 15.47
C TYR A 87 -2.28 4.74 16.11
N SER A 88 -1.14 5.31 15.69
CA SER A 88 -0.69 6.64 16.13
C SER A 88 0.37 7.16 15.16
N ALA A 89 0.47 8.48 15.05
CA ALA A 89 1.42 9.11 14.14
C ALA A 89 2.27 10.10 14.90
N ASP A 90 3.59 9.91 14.81
CA ASP A 90 4.59 10.81 15.38
C ASP A 90 4.94 11.80 14.26
N THR A 91 5.99 12.64 14.42
CA THR A 91 6.36 13.58 13.35
C THR A 91 6.58 12.83 12.03
N LEU A 92 7.29 11.70 12.10
CA LEU A 92 7.59 10.88 10.92
C LEU A 92 6.91 9.52 10.99
N ALA A 93 7.23 8.73 12.02
CA ALA A 93 6.79 7.35 12.20
C ALA A 93 5.29 7.22 12.42
N HIS A 94 4.71 6.27 11.71
CA HIS A 94 3.31 5.89 11.81
C HIS A 94 3.29 4.52 12.46
N HIS A 95 2.52 4.38 13.52
CA HIS A 95 2.49 3.12 14.28
C HIS A 95 1.24 2.35 13.99
N ASN A 96 1.39 1.01 13.84
CA ASN A 96 0.27 0.09 13.55
C ASN A 96 -0.50 0.64 12.34
N ASP A 97 0.24 1.00 11.28
CA ASP A 97 -0.33 1.61 10.08
C ASP A 97 -0.86 0.53 9.15
N ILE A 98 -2.00 -0.05 9.55
CA ILE A 98 -2.65 -1.15 8.86
C ILE A 98 -4.17 -1.04 9.03
N ALA A 99 -4.89 -1.31 7.93
CA ALA A 99 -6.34 -1.24 7.89
C ALA A 99 -6.89 -2.31 6.99
N LEU A 100 -8.12 -2.73 7.27
CA LEU A 100 -8.83 -3.70 6.46
C LEU A 100 -10.10 -3.11 5.97
N LEU A 101 -10.37 -3.32 4.67
CA LEU A 101 -11.60 -2.85 4.05
C LEU A 101 -12.37 -4.04 3.52
N LYS A 102 -13.53 -4.32 4.13
CA LYS A 102 -14.39 -5.38 3.60
C LYS A 102 -15.17 -4.76 2.46
N ILE A 103 -14.98 -5.28 1.24
CA ILE A 103 -15.59 -4.71 0.02
C ILE A 103 -16.84 -5.47 -0.41
N ARG A 104 -17.78 -4.74 -0.98
CA ARG A 104 -19.07 -5.24 -1.41
C ARG A 104 -19.53 -4.46 -2.63
N SER A 105 -20.01 -5.17 -3.66
CA SER A 105 -20.57 -4.50 -4.84
C SER A 105 -21.98 -4.03 -4.46
N LYS A 106 -22.62 -3.24 -5.34
CA LYS A 106 -23.98 -2.77 -5.07
C LYS A 106 -24.98 -3.95 -5.00
N GLU A 107 -24.59 -5.10 -5.56
CA GLU A 107 -25.36 -6.36 -5.61
C GLU A 107 -25.07 -7.19 -4.38
N GLY A 108 -24.11 -6.75 -3.57
CA GLY A 108 -23.74 -7.39 -2.32
C GLY A 108 -22.73 -8.50 -2.42
N ARG A 109 -21.90 -8.46 -3.48
CA ARG A 109 -20.92 -9.49 -3.73
C ARG A 109 -19.50 -9.00 -3.55
N CYS A 110 -18.60 -9.94 -3.31
CA CYS A 110 -17.19 -9.65 -3.16
C CYS A 110 -16.53 -9.70 -4.55
N ALA A 111 -15.19 -9.52 -4.62
CA ALA A 111 -14.48 -9.50 -5.90
C ALA A 111 -14.58 -10.85 -6.63
N GLN A 112 -14.65 -10.77 -7.94
CA GLN A 112 -14.68 -11.94 -8.81
C GLN A 112 -13.31 -12.06 -9.48
N PRO A 113 -12.43 -12.99 -9.06
CA PRO A 113 -11.11 -13.08 -9.70
C PRO A 113 -11.17 -13.24 -11.22
N SER A 114 -10.31 -12.50 -11.91
CA SER A 114 -10.17 -12.49 -13.36
C SER A 114 -8.69 -12.35 -13.70
N ARG A 115 -8.38 -12.14 -15.00
CA ARG A 115 -7.01 -11.94 -15.46
C ARG A 115 -6.42 -10.64 -14.85
N THR A 116 -7.29 -9.62 -14.59
CA THR A 116 -6.85 -8.32 -14.06
C THR A 116 -7.24 -8.13 -12.58
N ILE A 117 -7.92 -9.11 -11.96
CA ILE A 117 -8.29 -9.03 -10.54
C ILE A 117 -7.89 -10.35 -9.90
N GLN A 118 -6.87 -10.30 -9.04
CA GLN A 118 -6.32 -11.47 -8.37
C GLN A 118 -5.89 -11.12 -6.95
N THR A 119 -5.80 -12.11 -6.06
CA THR A 119 -5.36 -11.84 -4.70
C THR A 119 -3.83 -11.92 -4.63
N ILE A 120 -3.24 -11.37 -3.57
CA ILE A 120 -1.81 -11.44 -3.29
C ILE A 120 -1.67 -12.24 -2.00
N ALA A 121 -0.80 -13.27 -2.01
CA ALA A 121 -0.60 -14.12 -0.84
C ALA A 121 0.02 -13.35 0.32
N LEU A 122 -0.42 -13.69 1.54
CA LEU A 122 0.13 -13.10 2.75
C LEU A 122 1.45 -13.80 3.09
N PRO A 123 2.40 -13.14 3.80
CA PRO A 123 3.64 -13.82 4.16
C PRO A 123 3.42 -14.81 5.29
N SER A 124 4.41 -15.69 5.53
CA SER A 124 4.34 -16.62 6.65
C SER A 124 5.07 -15.98 7.83
N MET A 125 4.73 -16.40 9.07
CA MET A 125 5.31 -15.87 10.31
C MET A 125 6.82 -16.10 10.38
N TYR A 126 7.58 -15.10 10.89
CA TYR A 126 9.04 -15.10 11.11
C TYR A 126 9.82 -15.50 9.85
N ASN A 127 9.29 -15.19 8.67
CA ASN A 127 9.94 -15.55 7.41
C ASN A 127 9.89 -14.39 6.41
N ASP A 128 10.58 -13.29 6.71
CA ASP A 128 10.65 -12.14 5.80
C ASP A 128 11.90 -12.27 4.92
N PRO A 129 11.97 -11.67 3.70
CA PRO A 129 13.20 -11.80 2.91
C PRO A 129 14.35 -11.07 3.60
N GLN A 130 15.59 -11.50 3.31
CA GLN A 130 16.78 -10.87 3.89
C GLN A 130 17.00 -9.49 3.27
N PHE A 131 17.75 -8.63 3.97
CA PHE A 131 18.12 -7.31 3.47
C PHE A 131 18.83 -7.48 2.10
N GLY A 132 18.62 -6.54 1.20
CA GLY A 132 19.20 -6.60 -0.14
C GLY A 132 18.30 -7.21 -1.18
N THR A 133 17.22 -7.91 -0.75
CA THR A 133 16.22 -8.49 -1.66
C THR A 133 15.53 -7.37 -2.44
N SER A 134 15.36 -7.56 -3.76
CA SER A 134 14.64 -6.57 -4.57
C SER A 134 13.15 -6.84 -4.44
N CYS A 135 12.38 -5.78 -4.20
CA CYS A 135 10.94 -5.89 -4.07
C CYS A 135 10.30 -4.83 -4.89
N GLU A 136 9.03 -5.06 -5.30
CA GLU A 136 8.31 -4.10 -6.12
C GLU A 136 7.24 -3.35 -5.33
N ILE A 137 7.02 -2.10 -5.71
CA ILE A 137 5.99 -1.21 -5.15
C ILE A 137 5.16 -0.69 -6.31
N THR A 138 3.87 -0.45 -6.05
CA THR A 138 2.92 0.02 -7.05
C THR A 138 2.07 1.12 -6.46
N GLY A 139 1.76 2.12 -7.28
CA GLY A 139 0.88 3.19 -6.85
C GLY A 139 0.66 4.31 -7.85
N PHE A 140 -0.34 5.14 -7.52
CA PHE A 140 -0.75 6.32 -8.23
C PHE A 140 -0.19 7.58 -7.53
N GLY A 141 0.78 7.38 -6.64
CA GLY A 141 1.42 8.47 -5.87
C GLY A 141 2.24 9.43 -6.70
N LYS A 142 2.70 10.53 -6.07
CA LYS A 142 3.47 11.58 -6.78
C LYS A 142 4.68 11.04 -7.50
N GLU A 143 4.97 11.63 -8.68
CA GLU A 143 6.13 11.30 -9.50
C GLU A 143 7.35 12.11 -9.05
N GLN A 144 7.09 13.25 -8.39
CA GLN A 144 8.07 14.20 -7.80
C GLN A 144 7.45 14.79 -6.55
N SER A 145 8.26 15.07 -5.50
CA SER A 145 7.73 15.66 -4.25
C SER A 145 7.06 17.02 -4.51
N THR A 146 7.56 17.78 -5.50
CA THR A 146 7.00 19.11 -5.83
C THR A 146 5.69 19.03 -6.62
N ASP A 147 5.30 17.83 -7.12
CA ASP A 147 4.03 17.71 -7.83
C ASP A 147 2.87 17.83 -6.87
N TYR A 148 1.72 18.37 -7.32
CA TYR A 148 0.54 18.42 -6.46
C TYR A 148 -0.53 17.49 -7.04
N LEU A 149 -0.40 17.12 -8.33
CA LEU A 149 -1.27 16.17 -9.02
C LEU A 149 -0.63 14.79 -9.00
N TYR A 150 -1.46 13.75 -9.14
CA TYR A 150 -1.00 12.36 -9.21
C TYR A 150 -0.93 11.91 -10.68
N PRO A 151 0.01 10.99 -11.06
CA PRO A 151 0.03 10.52 -12.45
C PRO A 151 -1.28 9.82 -12.84
N GLU A 152 -1.72 10.03 -14.07
CA GLU A 152 -2.94 9.42 -14.61
C GLU A 152 -2.76 7.91 -14.76
N GLN A 153 -1.57 7.48 -15.14
CA GLN A 153 -1.30 6.08 -15.35
C GLN A 153 -0.58 5.47 -14.14
N LEU A 154 -0.99 4.26 -13.76
CA LEU A 154 -0.40 3.50 -12.66
C LEU A 154 1.10 3.32 -12.86
N LYS A 155 1.86 3.42 -11.77
CA LYS A 155 3.31 3.24 -11.86
C LYS A 155 3.78 2.14 -10.94
N MET A 156 4.97 1.62 -11.22
CA MET A 156 5.65 0.61 -10.42
C MET A 156 7.14 0.90 -10.40
N THR A 157 7.82 0.46 -9.35
CA THR A 157 9.27 0.52 -9.27
C THR A 157 9.76 -0.66 -8.45
N VAL A 158 11.09 -0.81 -8.39
CA VAL A 158 11.75 -1.87 -7.66
C VAL A 158 12.73 -1.21 -6.70
N VAL A 159 12.67 -1.59 -5.41
CA VAL A 159 13.55 -1.07 -4.36
C VAL A 159 14.16 -2.28 -3.61
N LYS A 160 15.21 -2.04 -2.81
CA LYS A 160 15.86 -3.11 -2.05
C LYS A 160 15.59 -2.98 -0.57
N LEU A 161 15.35 -4.11 0.11
CA LEU A 161 15.10 -4.12 1.55
C LEU A 161 16.36 -3.74 2.30
N ILE A 162 16.18 -2.94 3.34
CA ILE A 162 17.23 -2.43 4.23
C ILE A 162 17.01 -3.05 5.61
N SER A 163 18.08 -3.55 6.23
CA SER A 163 18.03 -4.15 7.57
C SER A 163 17.56 -3.13 8.61
N HIS A 164 17.02 -3.60 9.73
CA HIS A 164 16.58 -2.72 10.81
C HIS A 164 17.79 -1.99 11.43
N ARG A 165 18.93 -2.69 11.57
CA ARG A 165 20.15 -2.11 12.14
C ARG A 165 20.64 -0.92 11.30
N GLU A 166 20.60 -1.04 9.96
CA GLU A 166 20.99 0.04 9.06
C GLU A 166 19.96 1.15 9.08
N CYS A 167 18.67 0.80 9.10
CA CYS A 167 17.66 1.83 9.09
C CYS A 167 17.59 2.62 10.41
N GLN A 168 18.12 2.04 11.51
CA GLN A 168 18.16 2.72 12.81
C GLN A 168 19.42 3.56 13.00
N GLN A 169 20.24 3.67 11.95
CA GLN A 169 21.45 4.51 12.00
C GLN A 169 21.03 6.00 12.16
N PRO A 170 21.88 6.84 12.82
CA PRO A 170 21.48 8.24 13.05
C PRO A 170 21.11 9.04 11.81
N HIS A 171 21.84 8.91 10.67
CA HIS A 171 21.52 9.66 9.44
C HIS A 171 20.30 9.07 8.71
N TYR A 172 19.90 7.85 9.09
CA TYR A 172 18.71 7.20 8.56
C TYR A 172 17.54 7.65 9.46
N TYR A 173 16.90 6.74 10.23
CA TYR A 173 15.79 7.19 11.07
C TYR A 173 16.01 6.99 12.58
N GLY A 174 17.19 6.53 12.99
CA GLY A 174 17.48 6.32 14.40
C GLY A 174 16.50 5.35 15.03
N SER A 175 16.16 5.58 16.32
CA SER A 175 15.22 4.72 17.04
C SER A 175 13.76 4.97 16.63
N GLU A 176 13.49 5.92 15.71
CA GLU A 176 12.11 6.21 15.24
C GLU A 176 11.53 5.06 14.43
N VAL A 177 12.38 4.30 13.72
CA VAL A 177 11.90 3.13 12.97
C VAL A 177 11.98 1.91 13.91
N THR A 178 10.91 1.12 14.01
CA THR A 178 10.84 -0.01 14.95
C THR A 178 10.94 -1.36 14.24
N THR A 179 10.96 -2.48 15.02
CA THR A 179 11.05 -3.83 14.46
C THR A 179 9.74 -4.24 13.79
N LYS A 180 8.64 -3.47 14.02
CA LYS A 180 7.35 -3.73 13.37
C LYS A 180 7.28 -3.05 11.98
N MET A 181 8.37 -2.37 11.59
CA MET A 181 8.50 -1.62 10.34
C MET A 181 9.63 -2.16 9.50
N LEU A 182 9.48 -2.04 8.19
CA LEU A 182 10.47 -2.51 7.24
C LEU A 182 10.92 -1.37 6.32
N CYS A 183 12.22 -1.18 6.18
CA CYS A 183 12.75 -0.14 5.28
C CYS A 183 13.10 -0.74 3.95
N ALA A 184 12.92 0.06 2.91
CA ALA A 184 13.25 -0.32 1.55
C ALA A 184 13.55 0.94 0.75
N ALA A 185 14.58 0.89 -0.10
CA ALA A 185 14.97 2.04 -0.92
C ALA A 185 15.86 1.66 -2.09
N ASP A 186 16.13 2.66 -2.93
CA ASP A 186 17.06 2.54 -4.04
C ASP A 186 18.46 2.86 -3.51
N PRO A 187 19.49 1.99 -3.68
CA PRO A 187 20.83 2.37 -3.22
C PRO A 187 21.33 3.70 -3.82
N GLN A 188 20.82 4.10 -5.01
CA GLN A 188 21.19 5.37 -5.66
C GLN A 188 20.22 6.52 -5.33
N TRP A 189 19.15 6.27 -4.55
CA TRP A 189 18.18 7.30 -4.10
C TRP A 189 17.48 8.03 -5.27
N LYS A 190 17.25 7.34 -6.39
CA LYS A 190 16.57 7.95 -7.56
C LYS A 190 15.12 7.52 -7.63
N THR A 191 14.80 6.31 -7.16
CA THR A 191 13.42 5.81 -7.23
C THR A 191 12.89 5.46 -5.82
N ASP A 192 11.58 5.69 -5.60
CA ASP A 192 10.94 5.49 -4.31
C ASP A 192 9.42 5.59 -4.40
N SER A 193 8.74 5.21 -3.31
CA SER A 193 7.31 5.48 -3.15
C SER A 193 7.23 6.93 -2.64
N CYS A 194 6.05 7.55 -2.71
CA CYS A 194 5.90 8.93 -2.29
C CYS A 194 4.48 9.11 -1.83
N GLN A 195 4.11 10.35 -1.45
CA GLN A 195 2.76 10.69 -1.04
C GLN A 195 1.77 10.27 -2.13
N GLY A 196 0.74 9.54 -1.72
CA GLY A 196 -0.28 9.01 -2.63
C GLY A 196 -0.14 7.52 -2.82
N ASP A 197 1.08 6.99 -2.57
CA ASP A 197 1.38 5.56 -2.69
C ASP A 197 1.06 4.83 -1.40
N SER A 198 0.78 5.57 -0.30
CA SER A 198 0.42 5.00 1.01
C SER A 198 -0.67 3.96 0.88
N GLY A 199 -0.60 2.91 1.70
CA GLY A 199 -1.57 1.82 1.68
C GLY A 199 -1.30 0.76 0.63
N GLY A 200 -0.50 1.11 -0.38
CA GLY A 200 -0.15 0.25 -1.50
C GLY A 200 0.78 -0.90 -1.15
N PRO A 201 0.94 -1.87 -2.07
CA PRO A 201 1.76 -3.05 -1.75
C PRO A 201 3.25 -2.93 -1.96
N LEU A 202 4.00 -3.64 -1.11
CA LEU A 202 5.42 -3.90 -1.25
C LEU A 202 5.46 -5.41 -1.42
N VAL A 203 5.63 -5.86 -2.66
CA VAL A 203 5.59 -7.29 -2.96
C VAL A 203 7.01 -7.80 -3.18
N CYS A 204 7.34 -8.89 -2.47
CA CYS A 204 8.62 -9.57 -2.55
C CYS A 204 8.42 -10.99 -2.99
N SER A 205 9.30 -11.46 -3.87
CA SER A 205 9.33 -12.84 -4.27
C SER A 205 10.22 -13.55 -3.25
N LEU A 206 9.67 -14.54 -2.55
CA LEU A 206 10.42 -15.29 -1.56
C LEU A 206 10.14 -16.76 -1.72
N GLN A 207 11.21 -17.55 -1.87
CA GLN A 207 11.16 -19.00 -2.08
C GLN A 207 10.29 -19.32 -3.31
N GLY A 208 10.41 -18.46 -4.32
CA GLY A 208 9.69 -18.56 -5.59
C GLY A 208 8.27 -18.01 -5.60
N ARG A 209 7.72 -17.65 -4.41
CA ARG A 209 6.34 -17.17 -4.29
C ARG A 209 6.28 -15.67 -3.99
N MET A 210 5.36 -14.97 -4.65
CA MET A 210 5.20 -13.53 -4.44
C MET A 210 4.27 -13.28 -3.25
N THR A 211 4.70 -12.45 -2.33
CA THR A 211 3.91 -12.16 -1.12
C THR A 211 3.86 -10.70 -0.79
N LEU A 212 2.77 -10.30 -0.09
CA LEU A 212 2.60 -8.95 0.43
C LEU A 212 3.49 -8.78 1.64
N THR A 213 4.74 -8.37 1.42
CA THR A 213 5.71 -8.21 2.52
C THR A 213 5.46 -6.93 3.28
N GLY A 214 5.09 -5.86 2.58
CA GLY A 214 4.88 -4.57 3.24
C GLY A 214 3.72 -3.77 2.69
N ILE A 215 3.34 -2.74 3.46
CA ILE A 215 2.30 -1.76 3.11
C ILE A 215 2.95 -0.39 3.22
N VAL A 216 2.89 0.42 2.12
CA VAL A 216 3.48 1.76 2.10
C VAL A 216 2.94 2.57 3.28
N SER A 217 3.85 3.02 4.14
CA SER A 217 3.42 3.74 5.34
C SER A 217 3.96 5.16 5.40
N TRP A 218 5.29 5.34 5.54
CA TRP A 218 5.86 6.69 5.70
C TRP A 218 7.31 6.79 5.20
N GLY A 219 7.82 8.01 5.18
CA GLY A 219 9.17 8.32 4.76
C GLY A 219 9.45 9.81 4.83
N ARG A 220 10.71 10.18 5.09
CA ARG A 220 11.12 11.59 5.13
C ARG A 220 11.34 12.01 3.69
N GLY A 221 10.45 12.88 3.18
CA GLY A 221 10.46 13.32 1.80
C GLY A 221 10.28 12.13 0.88
N CYS A 222 10.74 12.23 -0.37
CA CYS A 222 10.66 11.12 -1.31
C CYS A 222 11.96 11.00 -2.08
N ALA A 223 12.52 9.78 -2.15
CA ALA A 223 13.78 9.45 -2.83
C ALA A 223 14.94 10.36 -2.31
N LEU A 224 14.92 10.67 -1.01
CA LEU A 224 15.94 11.48 -0.38
C LEU A 224 17.05 10.59 0.15
N LYS A 225 18.32 11.05 0.04
CA LYS A 225 19.48 10.32 0.54
C LYS A 225 19.32 9.95 2.03
N ASP A 226 19.60 8.68 2.36
CA ASP A 226 19.52 8.09 3.71
C ASP A 226 18.13 8.14 4.30
N LYS A 227 17.10 8.31 3.45
CA LYS A 227 15.72 8.37 3.94
C LYS A 227 14.88 7.34 3.18
N PRO A 228 14.97 6.06 3.60
CA PRO A 228 14.18 5.02 2.91
C PRO A 228 12.68 5.16 3.07
N GLY A 229 11.95 4.42 2.26
CA GLY A 229 10.51 4.30 2.41
C GLY A 229 10.34 3.35 3.58
N VAL A 230 9.32 3.60 4.43
CA VAL A 230 9.07 2.74 5.58
C VAL A 230 7.72 2.08 5.38
N TYR A 231 7.70 0.77 5.59
CA TYR A 231 6.56 -0.07 5.33
C TYR A 231 6.13 -0.84 6.55
N THR A 232 4.81 -1.02 6.70
CA THR A 232 4.25 -1.89 7.75
C THR A 232 4.74 -3.31 7.46
N ARG A 233 5.38 -3.96 8.44
CA ARG A 233 5.86 -5.33 8.23
C ARG A 233 4.66 -6.25 8.44
N VAL A 234 4.07 -6.68 7.33
CA VAL A 234 2.82 -7.47 7.30
C VAL A 234 2.97 -8.79 8.11
N SER A 235 4.14 -9.46 8.11
CA SER A 235 4.33 -10.72 8.87
C SER A 235 4.10 -10.55 10.39
N HIS A 236 4.31 -9.36 10.94
CA HIS A 236 4.08 -9.12 12.37
C HIS A 236 2.58 -9.15 12.70
N PHE A 237 1.76 -8.66 11.77
CA PHE A 237 0.33 -8.47 11.92
C PHE A 237 -0.54 -9.65 11.48
N LEU A 238 0.05 -10.81 11.14
CA LEU A 238 -0.71 -11.99 10.71
C LEU A 238 -1.77 -12.42 11.77
N PRO A 239 -1.50 -12.46 13.12
CA PRO A 239 -2.60 -12.77 14.06
C PRO A 239 -3.73 -11.73 14.01
N TRP A 240 -3.40 -10.42 13.82
CA TRP A 240 -4.40 -9.34 13.74
C TRP A 240 -5.24 -9.45 12.45
N ILE A 241 -4.60 -9.78 11.31
CA ILE A 241 -5.30 -9.91 10.01
C ILE A 241 -6.27 -11.08 10.06
N ARG A 242 -5.78 -12.25 10.51
CA ARG A 242 -6.59 -13.47 10.62
C ARG A 242 -7.80 -13.25 11.56
N SER A 243 -7.58 -12.63 12.74
CA SER A 243 -8.68 -12.39 13.69
C SER A 243 -9.68 -11.33 13.17
N HIS A 244 -9.21 -10.32 12.43
CA HIS A 244 -10.13 -9.29 11.94
C HIS A 244 -10.79 -9.64 10.58
N THR A 245 -10.40 -10.75 9.92
CA THR A 245 -11.03 -11.14 8.64
C THR A 245 -12.00 -12.32 8.84
N LYS A 246 -12.20 -12.73 10.11
CA LYS A 246 -13.13 -13.78 10.51
C LYS A 246 -14.44 -13.16 10.96
CAI 6UP B . 7.19 9.16 1.55
CAN 6UP B . 5.91 9.62 1.91
CAL 6UP B . 5.62 10.99 2.05
N1 6UP B . 6.60 11.88 1.81
CAE 6UP B . 4.35 11.43 2.43
CAD 6UP B . 3.36 10.48 2.68
CAG 6UP B . 3.63 9.11 2.58
CAM 6UP B . 4.90 8.67 2.19
CAH 6UP B . 5.15 7.29 2.08
CAF 6UP B . 6.44 6.87 1.71
CAK 6UP B . 7.46 7.80 1.45
CAJ 6UP B . 8.73 7.37 1.00
N2 6UP B . 9.76 8.23 1.03
N3 6UP B . 8.83 6.20 0.40
C1 SIN C . -21.70 3.10 -9.84
O1 SIN C . -21.56 3.30 -8.64
O2 SIN C . -21.64 4.14 -10.68
C2 SIN C . -21.92 1.72 -10.41
C3 SIN C . -21.83 0.58 -9.39
C4 SIN C . -22.61 -0.62 -9.89
O3 SIN C . -22.42 -1.72 -9.42
O4 SIN C . -23.52 -0.48 -10.84
C1 SIN D . -15.93 16.39 3.22
O1 SIN D . -16.65 15.82 2.44
O2 SIN D . -16.42 17.06 4.27
C2 SIN D . -14.46 16.38 3.02
C3 SIN D . -14.08 17.55 2.13
C4 SIN D . -12.70 17.92 2.54
O3 SIN D . -11.75 17.66 1.83
O4 SIN D . -12.52 18.53 3.72
C1 SIN E . -17.85 -0.34 9.94
O1 SIN E . -17.50 -0.17 11.04
O2 SIN E . -16.95 -0.02 9.04
C2 SIN E . -19.24 -0.85 9.63
C3 SIN E . -20.03 -1.30 10.86
C4 SIN E . -21.08 -2.28 10.42
O3 SIN E . -22.26 -2.02 10.57
O4 SIN E . -20.69 -3.43 9.87
S SO4 F . -0.67 9.91 1.76
O1 SO4 F . 0.27 9.12 0.94
O2 SO4 F . -1.38 9.07 2.71
O3 SO4 F . 0.09 10.93 2.53
O4 SO4 F . -1.64 10.57 0.87
S SO4 G . 5.59 0.32 17.29
O1 SO4 G . 6.61 -0.70 17.10
O2 SO4 G . 4.39 -0.33 17.84
O3 SO4 G . 6.08 1.32 18.21
O4 SO4 G . 5.28 0.95 16.01
S SO4 H . 7.08 -10.80 14.95
O1 SO4 H . 8.17 -11.17 15.89
O2 SO4 H . 6.95 -9.35 14.97
O3 SO4 H . 7.44 -11.26 13.62
O4 SO4 H . 5.81 -11.43 15.38
S SO4 I . 1.42 -5.53 18.66
O1 SO4 I . 1.75 -6.89 19.16
O2 SO4 I . 0.17 -5.07 19.26
O3 SO4 I . 2.51 -4.61 19.00
O4 SO4 I . 1.22 -5.60 17.22
NA NA J . -8.45 12.49 -9.29
#